data_2HJD
#
_entry.id   2HJD
#
_cell.length_a   79.521
_cell.length_b   79.521
_cell.length_c   90.238
_cell.angle_alpha   90.00
_cell.angle_beta   90.00
_cell.angle_gamma   90.00
#
_symmetry.space_group_name_H-M   'P 43'
#
loop_
_entity.id
_entity.type
_entity.pdbx_description
1 polymer 'Quorum-sensing antiactivator'
2 water water
#
_entity_poly.entity_id   1
_entity_poly.type   'polypeptide(L)'
_entity_poly.pdbx_seq_one_letter_code
;MDLKDSVVSDTFELRPVIGLTRGLSSADIETLTANAIRLHRQLLEKADQLFQVLPDDIKIGTAAGGEQHLEYIEAMIEMH
AQMSAVNTLVGLLGFIPKVSVN
;
_entity_poly.pdbx_strand_id   A,B,C,D
#
# COMPACT_ATOMS: atom_id res chain seq x y z
N PHE A 12 22.09 36.74 -41.50
CA PHE A 12 22.16 37.19 -40.08
C PHE A 12 21.85 38.69 -40.01
N GLU A 13 21.45 39.15 -38.83
CA GLU A 13 21.13 40.57 -38.65
C GLU A 13 22.39 41.40 -38.42
N LEU A 14 23.24 40.98 -37.47
CA LEU A 14 24.49 41.69 -37.19
C LEU A 14 25.60 41.11 -38.05
N ARG A 15 25.63 41.53 -39.30
CA ARG A 15 26.62 41.05 -40.26
C ARG A 15 28.09 41.07 -39.80
N PRO A 16 28.51 42.16 -39.14
CA PRO A 16 29.92 42.19 -38.69
C PRO A 16 30.31 41.04 -37.78
N VAL A 17 29.32 40.42 -37.13
CA VAL A 17 29.60 39.29 -36.25
C VAL A 17 30.18 38.11 -37.02
N ILE A 18 29.73 37.94 -38.26
CA ILE A 18 30.18 36.85 -39.12
C ILE A 18 31.69 36.94 -39.35
N GLY A 19 32.18 38.15 -39.59
CA GLY A 19 33.61 38.32 -39.80
C GLY A 19 34.40 38.16 -38.52
N LEU A 20 33.86 38.69 -37.42
CA LEU A 20 34.54 38.63 -36.12
C LEU A 20 34.74 37.24 -35.56
N THR A 21 33.86 36.29 -35.90
CA THR A 21 33.98 34.94 -35.36
C THR A 21 34.69 33.95 -36.28
N ARG A 22 35.02 34.37 -37.50
CA ARG A 22 35.72 33.49 -38.44
C ARG A 22 36.95 32.87 -37.79
N GLY A 23 37.15 31.57 -38.02
CA GLY A 23 38.29 30.91 -37.44
C GLY A 23 38.10 30.43 -36.02
N LEU A 24 36.95 30.74 -35.42
CA LEU A 24 36.69 30.30 -34.05
C LEU A 24 36.17 28.87 -34.08
N SER A 25 36.35 28.16 -32.98
CA SER A 25 35.88 26.78 -32.89
C SER A 25 34.43 26.83 -32.40
N SER A 26 33.66 25.79 -32.72
CA SER A 26 32.26 25.75 -32.32
C SER A 26 32.12 25.92 -30.82
N ALA A 27 33.14 25.49 -30.08
CA ALA A 27 33.12 25.60 -28.62
C ALA A 27 33.18 27.06 -28.17
N ASP A 28 34.00 27.85 -28.83
CA ASP A 28 34.11 29.27 -28.47
C ASP A 28 32.83 29.98 -28.90
N ILE A 29 32.35 29.64 -30.09
CA ILE A 29 31.13 30.23 -30.62
C ILE A 29 29.95 29.95 -29.69
N GLU A 30 29.89 28.73 -29.15
CA GLU A 30 28.80 28.39 -28.24
C GLU A 30 28.95 29.20 -26.97
N THR A 31 30.19 29.44 -26.56
CA THR A 31 30.45 30.23 -25.36
C THR A 31 29.88 31.63 -25.54
N LEU A 32 30.15 32.22 -26.71
CA LEU A 32 29.66 33.55 -27.05
C LEU A 32 28.12 33.55 -27.05
N THR A 33 27.54 32.50 -27.63
CA THR A 33 26.09 32.38 -27.70
C THR A 33 25.42 32.26 -26.34
N ALA A 34 26.00 31.46 -25.45
CA ALA A 34 25.45 31.26 -24.11
C ALA A 34 25.50 32.57 -23.33
N ASN A 35 26.64 33.25 -23.42
CA ASN A 35 26.80 34.53 -22.74
C ASN A 35 25.74 35.50 -23.26
N ALA A 36 25.54 35.51 -24.57
CA ALA A 36 24.56 36.38 -25.20
C ALA A 36 23.14 36.08 -24.68
N ILE A 37 22.82 34.79 -24.56
CA ILE A 37 21.51 34.39 -24.07
C ILE A 37 21.29 34.83 -22.63
N ARG A 38 22.31 34.70 -21.79
CA ARG A 38 22.20 35.12 -20.41
C ARG A 38 22.03 36.63 -20.33
N LEU A 39 22.76 37.35 -21.19
CA LEU A 39 22.68 38.80 -21.20
C LEU A 39 21.27 39.24 -21.58
N HIS A 40 20.72 38.60 -22.61
CA HIS A 40 19.37 38.92 -23.08
C HIS A 40 18.36 38.79 -21.94
N ARG A 41 18.48 37.71 -21.17
CA ARG A 41 17.59 37.46 -20.05
C ARG A 41 17.71 38.55 -18.99
N GLN A 42 18.94 38.97 -18.70
CA GLN A 42 19.17 40.02 -17.71
C GLN A 42 18.63 41.37 -18.20
N LEU A 43 18.73 41.62 -19.51
CA LEU A 43 18.24 42.86 -20.08
C LEU A 43 16.70 42.89 -20.06
N LEU A 44 16.07 41.73 -20.24
CA LEU A 44 14.61 41.65 -20.22
C LEU A 44 14.11 41.91 -18.79
N GLU A 45 14.75 41.25 -17.83
CA GLU A 45 14.39 41.41 -16.43
C GLU A 45 14.53 42.88 -16.02
N LYS A 46 15.66 43.48 -16.41
CA LYS A 46 15.93 44.87 -16.10
C LYS A 46 14.80 45.76 -16.62
N ALA A 47 14.47 45.60 -17.90
CA ALA A 47 13.40 46.37 -18.51
C ALA A 47 12.06 46.15 -17.78
N ASP A 48 11.84 44.94 -17.28
CA ASP A 48 10.62 44.63 -16.54
C ASP A 48 10.53 45.45 -15.26
N GLN A 49 11.62 45.43 -14.50
CA GLN A 49 11.68 46.14 -13.23
C GLN A 49 11.41 47.63 -13.42
N LEU A 50 12.00 48.23 -14.45
CA LEU A 50 11.80 49.64 -14.74
C LEU A 50 10.36 49.96 -15.13
N PHE A 51 9.75 49.08 -15.90
CA PHE A 51 8.38 49.30 -16.34
C PHE A 51 7.34 49.33 -15.22
N GLN A 52 7.48 48.43 -14.26
CA GLN A 52 6.55 48.34 -13.14
C GLN A 52 6.41 49.67 -12.40
N VAL A 53 7.54 50.31 -12.13
CA VAL A 53 7.54 51.56 -11.40
C VAL A 53 7.15 52.81 -12.21
N LEU A 54 6.90 52.64 -13.50
CA LEU A 54 6.50 53.76 -14.35
C LEU A 54 5.08 54.21 -13.98
N PRO A 55 4.81 55.52 -14.07
CA PRO A 55 3.48 56.04 -13.75
C PRO A 55 2.41 55.44 -14.65
N ASP A 56 1.17 55.44 -14.17
CA ASP A 56 0.05 54.88 -14.92
C ASP A 56 -0.22 55.69 -16.18
N ASP A 57 -0.04 57.00 -16.09
CA ASP A 57 -0.27 57.89 -17.23
C ASP A 57 0.65 57.51 -18.38
N ILE A 58 1.81 56.95 -18.06
CA ILE A 58 2.79 56.54 -19.06
C ILE A 58 2.50 55.12 -19.54
N LYS A 59 2.27 54.22 -18.59
CA LYS A 59 1.96 52.83 -18.93
C LYS A 59 0.77 52.75 -19.89
N ILE A 60 -0.24 53.56 -19.62
CA ILE A 60 -1.45 53.58 -20.44
C ILE A 60 -1.21 54.27 -21.79
N GLY A 61 -0.53 55.41 -21.76
CA GLY A 61 -0.25 56.11 -23.00
C GLY A 61 -0.82 57.53 -22.99
N THR A 62 -1.38 57.93 -21.85
CA THR A 62 -1.96 59.26 -21.71
C THR A 62 -0.83 60.25 -21.47
N ALA A 63 0.37 59.73 -21.28
CA ALA A 63 1.55 60.56 -21.03
C ALA A 63 2.80 59.84 -21.53
N ALA A 64 3.71 60.61 -22.13
CA ALA A 64 4.95 60.06 -22.65
C ALA A 64 6.06 61.10 -22.53
N GLY A 65 7.11 60.76 -21.80
CA GLY A 65 8.21 61.69 -21.62
C GLY A 65 8.72 61.66 -20.19
N GLY A 66 9.76 62.44 -19.93
CA GLY A 66 10.32 62.47 -18.59
C GLY A 66 11.57 61.61 -18.51
N GLU A 67 12.38 61.85 -17.49
CA GLU A 67 13.63 61.10 -17.30
C GLU A 67 13.40 59.61 -17.03
N GLN A 68 12.34 59.28 -16.31
CA GLN A 68 12.06 57.88 -15.99
C GLN A 68 11.56 57.11 -17.22
N HIS A 69 10.76 57.77 -18.04
CA HIS A 69 10.24 57.12 -19.24
C HIS A 69 11.35 56.92 -20.26
N LEU A 70 12.22 57.92 -20.42
CA LEU A 70 13.32 57.80 -21.36
C LEU A 70 14.27 56.69 -20.93
N GLU A 71 14.46 56.56 -19.62
CA GLU A 71 15.33 55.52 -19.08
C GLU A 71 14.77 54.13 -19.43
N TYR A 72 13.46 53.99 -19.35
CA TYR A 72 12.82 52.71 -19.68
C TYR A 72 12.97 52.43 -21.15
N ILE A 73 12.79 53.47 -21.97
CA ILE A 73 12.91 53.33 -23.41
C ILE A 73 14.31 52.90 -23.79
N GLU A 74 15.32 53.45 -23.10
CA GLU A 74 16.70 53.09 -23.40
C GLU A 74 16.98 51.63 -23.02
N ALA A 75 16.42 51.16 -21.90
CA ALA A 75 16.60 49.77 -21.48
C ALA A 75 16.02 48.85 -22.56
N MET A 76 14.85 49.20 -23.09
CA MET A 76 14.19 48.42 -24.13
C MET A 76 14.97 48.45 -25.45
N ILE A 77 15.44 49.62 -25.84
CA ILE A 77 16.21 49.74 -27.08
C ILE A 77 17.46 48.86 -26.95
N GLU A 78 18.10 48.90 -25.79
CA GLU A 78 19.30 48.09 -25.58
C GLU A 78 18.92 46.60 -25.68
N MET A 79 17.77 46.23 -25.09
CA MET A 79 17.32 44.83 -25.12
C MET A 79 17.13 44.36 -26.57
N HIS A 80 16.38 45.12 -27.36
CA HIS A 80 16.15 44.78 -28.75
C HIS A 80 17.44 44.73 -29.58
N ALA A 81 18.33 45.69 -29.37
CA ALA A 81 19.59 45.73 -30.11
C ALA A 81 20.41 44.49 -29.81
N GLN A 82 20.50 44.13 -28.54
CA GLN A 82 21.28 42.96 -28.14
C GLN A 82 20.68 41.65 -28.69
N MET A 83 19.36 41.62 -28.96
CA MET A 83 18.76 40.40 -29.49
C MET A 83 19.28 40.10 -30.90
N SER A 84 19.68 41.13 -31.62
CA SER A 84 20.19 40.91 -32.97
C SER A 84 21.51 40.16 -32.85
N ALA A 85 22.22 40.35 -31.74
CA ALA A 85 23.48 39.66 -31.51
C ALA A 85 23.17 38.18 -31.23
N VAL A 86 22.25 37.95 -30.29
CA VAL A 86 21.84 36.59 -29.93
C VAL A 86 21.41 35.81 -31.16
N ASN A 87 20.52 36.39 -31.96
CA ASN A 87 20.03 35.72 -33.15
C ASN A 87 21.13 35.40 -34.15
N THR A 88 22.06 36.33 -34.32
CA THR A 88 23.16 36.13 -35.26
C THR A 88 24.11 35.03 -34.79
N LEU A 89 24.40 35.00 -33.49
CA LEU A 89 25.29 34.00 -32.93
C LEU A 89 24.66 32.60 -32.97
N VAL A 90 23.36 32.53 -32.65
CA VAL A 90 22.65 31.25 -32.70
C VAL A 90 22.79 30.68 -34.10
N GLY A 91 22.58 31.54 -35.10
CA GLY A 91 22.68 31.13 -36.49
C GLY A 91 24.07 30.67 -36.86
N LEU A 92 25.09 31.23 -36.21
CA LEU A 92 26.48 30.84 -36.50
C LEU A 92 26.83 29.54 -35.79
N LEU A 93 26.20 29.32 -34.64
CA LEU A 93 26.44 28.11 -33.84
C LEU A 93 25.77 26.88 -34.43
N GLY A 94 24.57 27.06 -34.98
CA GLY A 94 23.86 25.94 -35.57
C GLY A 94 22.76 25.36 -34.69
N PHE A 95 22.56 25.96 -33.51
CA PHE A 95 21.53 25.49 -32.59
C PHE A 95 21.45 26.38 -31.34
N ILE A 96 20.32 26.30 -30.64
CA ILE A 96 20.13 27.07 -29.42
C ILE A 96 20.73 26.25 -28.29
N PRO A 97 21.77 26.79 -27.63
CA PRO A 97 22.41 26.06 -26.53
C PRO A 97 21.66 26.17 -25.20
N LYS A 98 21.91 25.20 -24.31
CA LYS A 98 21.28 25.21 -23.00
C LYS A 98 22.02 26.25 -22.16
N VAL A 99 21.33 26.91 -21.24
CA VAL A 99 21.99 27.93 -20.42
C VAL A 99 21.73 27.83 -18.92
N SER A 100 20.65 28.46 -18.47
CA SER A 100 20.31 28.43 -17.04
C SER A 100 18.89 27.95 -16.81
N PHE B 12 14.08 51.43 -39.24
CA PHE B 12 15.15 50.87 -40.10
C PHE B 12 15.82 49.65 -39.45
N GLU B 13 16.99 49.86 -38.87
CA GLU B 13 17.72 48.77 -38.21
C GLU B 13 16.95 48.14 -37.06
N LEU B 14 16.35 48.98 -36.21
CA LEU B 14 15.58 48.49 -35.08
C LEU B 14 14.15 49.02 -35.08
N ARG B 15 13.28 48.34 -35.81
CA ARG B 15 11.88 48.74 -35.91
C ARG B 15 11.21 49.06 -34.58
N PRO B 16 11.46 48.25 -33.54
CA PRO B 16 10.85 48.49 -32.23
C PRO B 16 11.03 49.91 -31.71
N VAL B 17 12.13 50.54 -32.10
CA VAL B 17 12.41 51.91 -31.66
C VAL B 17 11.28 52.84 -32.04
N ILE B 18 10.74 52.64 -33.24
CA ILE B 18 9.63 53.45 -33.73
C ILE B 18 8.48 53.43 -32.73
N GLY B 19 8.03 52.23 -32.37
CA GLY B 19 6.92 52.10 -31.45
C GLY B 19 7.24 52.60 -30.06
N LEU B 20 8.48 52.42 -29.62
CA LEU B 20 8.89 52.88 -28.29
C LEU B 20 8.94 54.40 -28.20
N THR B 21 9.23 55.05 -29.32
CA THR B 21 9.34 56.51 -29.31
C THR B 21 8.10 57.25 -29.77
N ARG B 22 7.00 56.53 -29.99
CA ARG B 22 5.76 57.17 -30.41
C ARG B 22 5.27 58.01 -29.23
N GLY B 23 4.83 59.23 -29.51
CA GLY B 23 4.34 60.08 -28.44
C GLY B 23 5.41 60.96 -27.82
N LEU B 24 6.63 60.87 -28.35
CA LEU B 24 7.73 61.68 -27.85
C LEU B 24 7.92 62.90 -28.74
N SER B 25 8.30 64.02 -28.16
CA SER B 25 8.56 65.23 -28.94
C SER B 25 9.93 65.05 -29.59
N SER B 26 10.22 65.82 -30.62
CA SER B 26 11.50 65.72 -31.30
C SER B 26 12.63 65.99 -30.31
N ALA B 27 12.32 66.77 -29.28
CA ALA B 27 13.28 67.11 -28.23
C ALA B 27 13.72 65.86 -27.44
N ASP B 28 12.75 65.06 -27.01
CA ASP B 28 13.09 63.86 -26.26
C ASP B 28 13.82 62.87 -27.16
N ILE B 29 13.47 62.84 -28.44
CA ILE B 29 14.13 61.94 -29.37
C ILE B 29 15.57 62.39 -29.63
N GLU B 30 15.79 63.70 -29.60
CA GLU B 30 17.15 64.22 -29.80
C GLU B 30 18.00 63.83 -28.59
N THR B 31 17.39 63.88 -27.41
CA THR B 31 18.09 63.51 -26.17
C THR B 31 18.56 62.05 -26.26
N LEU B 32 17.66 61.18 -26.69
CA LEU B 32 17.97 59.76 -26.84
C LEU B 32 19.06 59.55 -27.88
N THR B 33 18.98 60.30 -28.99
CA THR B 33 19.93 60.19 -30.08
C THR B 33 21.32 60.65 -29.65
N ALA B 34 21.41 61.78 -28.94
CA ALA B 34 22.69 62.28 -28.47
C ALA B 34 23.31 61.28 -27.49
N ASN B 35 22.49 60.72 -26.62
CA ASN B 35 22.94 59.71 -25.65
C ASN B 35 23.54 58.51 -26.40
N ALA B 36 22.88 58.09 -27.47
CA ALA B 36 23.34 56.93 -28.24
C ALA B 36 24.66 57.19 -28.94
N ILE B 37 24.83 58.39 -29.45
CA ILE B 37 26.07 58.76 -30.13
C ILE B 37 27.21 58.79 -29.13
N ARG B 38 26.95 59.34 -27.95
CA ARG B 38 27.97 59.39 -26.91
C ARG B 38 28.36 57.97 -26.50
N LEU B 39 27.37 57.08 -26.37
CA LEU B 39 27.66 55.70 -25.98
C LEU B 39 28.47 54.97 -27.05
N HIS B 40 28.17 55.24 -28.31
CA HIS B 40 28.92 54.59 -29.39
C HIS B 40 30.41 54.92 -29.33
N ARG B 41 30.74 56.18 -29.04
CA ARG B 41 32.14 56.57 -28.94
C ARG B 41 32.82 55.83 -27.80
N GLN B 42 32.12 55.70 -26.69
CA GLN B 42 32.67 54.99 -25.53
C GLN B 42 32.90 53.51 -25.84
N LEU B 43 31.94 52.87 -26.50
CA LEU B 43 32.07 51.44 -26.83
C LEU B 43 33.18 51.21 -27.85
N LEU B 44 33.36 52.16 -28.77
CA LEU B 44 34.40 52.05 -29.77
C LEU B 44 35.79 52.18 -29.13
N GLU B 45 35.92 53.10 -28.20
CA GLU B 45 37.20 53.29 -27.55
C GLU B 45 37.50 52.16 -26.58
N LYS B 46 36.47 51.56 -26.01
CA LYS B 46 36.67 50.45 -25.09
C LYS B 46 37.17 49.25 -25.88
N ALA B 47 36.62 49.02 -27.07
CA ALA B 47 37.07 47.88 -27.86
C ALA B 47 38.49 48.12 -28.37
N ASP B 48 38.80 49.36 -28.73
CA ASP B 48 40.13 49.72 -29.21
C ASP B 48 41.19 49.46 -28.13
N GLN B 49 40.87 49.79 -26.89
CA GLN B 49 41.80 49.57 -25.78
C GLN B 49 42.10 48.09 -25.61
N LEU B 50 41.06 47.28 -25.76
CA LEU B 50 41.17 45.82 -25.64
C LEU B 50 42.02 45.28 -26.77
N PHE B 51 41.82 45.80 -27.97
CA PHE B 51 42.59 45.36 -29.14
C PHE B 51 44.09 45.60 -28.95
N GLN B 52 44.42 46.74 -28.34
CA GLN B 52 45.82 47.11 -28.13
C GLN B 52 46.66 46.08 -27.37
N VAL B 53 46.08 45.43 -26.37
CA VAL B 53 46.83 44.45 -25.61
C VAL B 53 46.57 43.01 -25.98
N LEU B 54 46.01 42.79 -27.16
CA LEU B 54 45.75 41.43 -27.62
C LEU B 54 47.08 40.80 -28.02
N PRO B 55 47.20 39.48 -27.87
CA PRO B 55 48.45 38.80 -28.23
C PRO B 55 48.72 38.92 -29.73
N ASP B 56 50.00 38.93 -30.07
CA ASP B 56 50.45 39.07 -31.45
C ASP B 56 49.88 38.06 -32.44
N ASP B 57 49.76 36.80 -32.03
CA ASP B 57 49.21 35.78 -32.93
C ASP B 57 47.78 36.14 -33.33
N ILE B 58 47.06 36.78 -32.42
CA ILE B 58 45.69 37.17 -32.69
C ILE B 58 45.65 38.40 -33.59
N LYS B 59 46.55 39.35 -33.37
CA LYS B 59 46.59 40.55 -34.18
C LYS B 59 47.01 40.25 -35.61
N ILE B 60 47.90 39.29 -35.78
CA ILE B 60 48.38 38.92 -37.11
C ILE B 60 47.34 38.05 -37.84
N GLY B 61 46.45 37.44 -37.07
CA GLY B 61 45.42 36.62 -37.68
C GLY B 61 45.84 35.18 -37.90
N THR B 62 46.77 34.69 -37.09
CA THR B 62 47.24 33.32 -37.20
C THR B 62 46.56 32.47 -36.14
N ALA B 63 46.11 33.12 -35.07
CA ALA B 63 45.42 32.43 -33.98
C ALA B 63 44.10 33.10 -33.64
N ALA B 64 43.10 32.30 -33.31
CA ALA B 64 41.79 32.80 -32.95
C ALA B 64 41.31 31.99 -31.75
N GLY B 65 40.57 32.62 -30.86
CA GLY B 65 40.08 31.92 -29.69
C GLY B 65 40.83 32.32 -28.44
N GLY B 66 40.37 31.83 -27.31
CA GLY B 66 41.00 32.18 -26.04
C GLY B 66 40.12 33.19 -25.34
N GLU B 67 40.22 33.23 -24.02
CA GLU B 67 39.41 34.13 -23.22
C GLU B 67 39.59 35.63 -23.52
N GLN B 68 40.83 36.06 -23.75
CA GLN B 68 41.09 37.45 -24.04
C GLN B 68 40.50 37.84 -25.39
N HIS B 69 40.67 36.96 -26.37
CA HIS B 69 40.15 37.22 -27.71
C HIS B 69 38.61 37.26 -27.70
N LEU B 70 37.99 36.42 -26.87
CA LEU B 70 36.53 36.39 -26.78
C LEU B 70 36.00 37.65 -26.14
N GLU B 71 36.71 38.16 -25.12
CA GLU B 71 36.29 39.38 -24.45
C GLU B 71 36.31 40.55 -25.43
N TYR B 72 37.29 40.55 -26.32
CA TYR B 72 37.41 41.61 -27.32
C TYR B 72 36.26 41.50 -28.31
N ILE B 73 35.98 40.28 -28.74
CA ILE B 73 34.91 40.02 -29.69
C ILE B 73 33.57 40.46 -29.09
N GLU B 74 33.37 40.17 -27.81
CA GLU B 74 32.14 40.59 -27.17
C GLU B 74 32.05 42.11 -27.12
N ALA B 75 33.19 42.79 -27.03
CA ALA B 75 33.19 44.25 -26.99
C ALA B 75 32.81 44.80 -28.35
N MET B 76 33.31 44.18 -29.41
CA MET B 76 32.98 44.62 -30.78
C MET B 76 31.52 44.29 -31.10
N ILE B 77 31.04 43.15 -30.64
CA ILE B 77 29.64 42.77 -30.90
C ILE B 77 28.73 43.79 -30.23
N GLU B 78 29.03 44.13 -28.98
CA GLU B 78 28.22 45.11 -28.28
C GLU B 78 28.23 46.45 -29.04
N MET B 79 29.41 46.84 -29.53
CA MET B 79 29.56 48.09 -30.28
C MET B 79 28.74 48.07 -31.57
N HIS B 80 28.81 46.97 -32.33
CA HIS B 80 28.04 46.87 -33.56
C HIS B 80 26.53 46.86 -33.29
N ALA B 81 26.12 46.13 -32.27
CA ALA B 81 24.70 46.06 -31.95
C ALA B 81 24.15 47.43 -31.59
N GLN B 82 24.91 48.17 -30.79
CA GLN B 82 24.47 49.49 -30.37
C GLN B 82 24.42 50.49 -31.52
N MET B 83 25.24 50.27 -32.57
CA MET B 83 25.23 51.18 -33.73
C MET B 83 23.88 51.15 -34.41
N SER B 84 23.21 50.00 -34.42
CA SER B 84 21.90 49.92 -35.06
C SER B 84 20.93 50.86 -34.36
N ALA B 85 21.11 51.04 -33.05
CA ALA B 85 20.26 51.94 -32.28
C ALA B 85 20.57 53.39 -32.69
N VAL B 86 21.86 53.67 -32.91
CA VAL B 86 22.29 55.00 -33.32
C VAL B 86 21.70 55.35 -34.70
N ASN B 87 21.86 54.46 -35.66
CA ASN B 87 21.34 54.69 -37.00
C ASN B 87 19.83 54.81 -37.01
N THR B 88 19.16 54.02 -36.19
CA THR B 88 17.70 54.09 -36.13
C THR B 88 17.24 55.43 -35.55
N LEU B 89 17.83 55.83 -34.43
CA LEU B 89 17.45 57.11 -33.81
C LEU B 89 17.77 58.29 -34.73
N VAL B 90 18.97 58.31 -35.29
CA VAL B 90 19.33 59.41 -36.20
C VAL B 90 18.30 59.42 -37.33
N GLY B 91 17.95 58.24 -37.83
CA GLY B 91 16.97 58.15 -38.90
C GLY B 91 15.63 58.81 -38.55
N LEU B 92 15.21 58.64 -37.30
CA LEU B 92 13.94 59.21 -36.82
C LEU B 92 14.02 60.69 -36.52
N LEU B 93 15.15 61.13 -35.97
CA LEU B 93 15.33 62.53 -35.61
C LEU B 93 15.40 63.44 -36.83
N GLY B 94 16.02 62.95 -37.91
CA GLY B 94 16.14 63.74 -39.11
C GLY B 94 17.45 64.48 -39.23
N PHE B 95 18.28 64.38 -38.20
CA PHE B 95 19.59 65.04 -38.22
C PHE B 95 20.48 64.45 -37.13
N ILE B 96 21.78 64.76 -37.23
CA ILE B 96 22.75 64.26 -36.27
C ILE B 96 23.11 65.39 -35.32
N PRO B 97 22.69 65.28 -34.06
CA PRO B 97 23.00 66.35 -33.10
C PRO B 97 24.50 66.38 -32.78
N LYS B 98 24.98 67.56 -32.37
CA LYS B 98 26.40 67.69 -32.01
C LYS B 98 26.48 67.39 -30.52
N VAL B 99 27.29 66.41 -30.14
CA VAL B 99 27.42 66.02 -28.74
C VAL B 99 28.73 66.42 -28.05
N SER B 100 29.72 66.84 -28.82
CA SER B 100 30.99 67.27 -28.24
C SER B 100 31.76 68.17 -29.19
N PHE C 12 -33.27 -34.79 34.94
CA PHE C 12 -32.14 -35.25 34.09
C PHE C 12 -32.51 -36.55 33.37
N GLU C 13 -31.57 -37.07 32.59
CA GLU C 13 -31.81 -38.32 31.85
C GLU C 13 -31.35 -39.51 32.69
N LEU C 14 -30.06 -39.51 33.06
CA LEU C 14 -29.49 -40.57 33.89
C LEU C 14 -29.64 -40.16 35.35
N ARG C 15 -30.81 -40.42 35.92
CA ARG C 15 -31.12 -40.05 37.30
C ARG C 15 -30.06 -40.42 38.35
N PRO C 16 -29.48 -41.63 38.26
CA PRO C 16 -28.47 -42.00 39.26
C PRO C 16 -27.26 -41.06 39.33
N VAL C 17 -26.96 -40.40 38.22
CA VAL C 17 -25.82 -39.49 38.18
C VAL C 17 -25.97 -38.33 39.16
N ILE C 18 -27.21 -37.92 39.41
CA ILE C 18 -27.49 -36.83 40.33
C ILE C 18 -27.06 -37.19 41.74
N GLY C 19 -27.32 -38.43 42.15
CA GLY C 19 -26.94 -38.87 43.48
C GLY C 19 -25.44 -39.04 43.61
N LEU C 20 -24.78 -39.48 42.53
CA LEU C 20 -23.34 -39.70 42.51
C LEU C 20 -22.45 -38.47 42.59
N THR C 21 -22.93 -37.34 42.07
CA THR C 21 -22.13 -36.12 42.09
C THR C 21 -22.49 -35.21 43.26
N ARG C 22 -23.60 -35.53 43.93
CA ARG C 22 -24.06 -34.77 45.07
C ARG C 22 -22.92 -34.56 46.07
N GLY C 23 -22.48 -33.32 46.21
CA GLY C 23 -21.38 -33.03 47.12
C GLY C 23 -20.10 -32.63 46.43
N LEU C 24 -20.07 -32.73 45.11
CA LEU C 24 -18.87 -32.35 44.35
C LEU C 24 -18.85 -30.85 44.09
N SER C 25 -17.67 -30.31 43.85
CA SER C 25 -17.52 -28.90 43.56
C SER C 25 -17.72 -28.69 42.06
N SER C 26 -18.19 -27.50 41.68
CA SER C 26 -18.42 -27.17 40.28
C SER C 26 -17.21 -27.55 39.42
N ALA C 27 -16.02 -27.38 39.99
CA ALA C 27 -14.79 -27.69 39.28
C ALA C 27 -14.70 -29.17 38.90
N ASP C 28 -15.02 -30.04 39.85
CA ASP C 28 -14.96 -31.47 39.57
C ASP C 28 -16.08 -31.87 38.61
N ILE C 29 -17.26 -31.29 38.80
CA ILE C 29 -18.38 -31.58 37.93
C ILE C 29 -18.03 -31.20 36.50
N GLU C 30 -17.38 -30.06 36.32
CA GLU C 30 -16.98 -29.61 34.98
C GLU C 30 -15.98 -30.58 34.39
N THR C 31 -15.11 -31.13 35.24
CA THR C 31 -14.11 -32.09 34.79
C THR C 31 -14.82 -33.32 34.21
N LEU C 32 -15.84 -33.82 34.93
CA LEU C 32 -16.61 -34.97 34.49
C LEU C 32 -17.34 -34.66 33.18
N THR C 33 -17.95 -33.47 33.13
CA THR C 33 -18.68 -33.03 31.94
C THR C 33 -17.76 -32.90 30.73
N ALA C 34 -16.55 -32.39 30.96
CA ALA C 34 -15.58 -32.21 29.89
C ALA C 34 -15.12 -33.55 29.35
N ASN C 35 -14.81 -34.49 30.25
CA ASN C 35 -14.39 -35.82 29.84
C ASN C 35 -15.52 -36.49 29.04
N ALA C 36 -16.75 -36.32 29.51
CA ALA C 36 -17.92 -36.90 28.85
C ALA C 36 -18.09 -36.38 27.43
N ILE C 37 -17.86 -35.09 27.23
CA ILE C 37 -18.01 -34.50 25.91
C ILE C 37 -16.93 -35.06 24.98
N ARG C 38 -15.70 -35.18 25.50
CA ARG C 38 -14.62 -35.73 24.69
C ARG C 38 -14.92 -37.19 24.35
N LEU C 39 -15.49 -37.92 25.30
CA LEU C 39 -15.81 -39.33 25.05
C LEU C 39 -16.88 -39.42 23.97
N HIS C 40 -17.87 -38.54 24.05
CA HIS C 40 -18.95 -38.53 23.07
C HIS C 40 -18.41 -38.34 21.66
N ARG C 41 -17.43 -37.45 21.52
CA ARG C 41 -16.84 -37.17 20.22
C ARG C 41 -16.10 -38.39 19.65
N GLN C 42 -15.38 -39.09 20.52
CA GLN C 42 -14.63 -40.28 20.09
C GLN C 42 -15.59 -41.39 19.67
N LEU C 43 -16.71 -41.51 20.39
CA LEU C 43 -17.69 -42.54 20.08
C LEU C 43 -18.38 -42.24 18.75
N LEU C 44 -18.59 -40.96 18.45
CA LEU C 44 -19.23 -40.59 17.19
C LEU C 44 -18.29 -40.93 16.03
N GLU C 45 -17.04 -40.52 16.18
CA GLU C 45 -16.02 -40.78 15.16
C GLU C 45 -15.86 -42.27 14.94
N LYS C 46 -15.87 -43.05 16.01
CA LYS C 46 -15.74 -44.49 15.92
C LYS C 46 -16.88 -45.08 15.10
N ALA C 47 -18.10 -44.69 15.44
CA ALA C 47 -19.28 -45.18 14.73
C ALA C 47 -19.21 -44.80 13.25
N ASP C 48 -18.60 -43.66 12.95
CA ASP C 48 -18.46 -43.20 11.57
C ASP C 48 -17.53 -44.11 10.77
N GLN C 49 -16.39 -44.43 11.36
CA GLN C 49 -15.41 -45.29 10.70
C GLN C 49 -16.03 -46.65 10.38
N LEU C 50 -16.76 -47.21 11.35
CA LEU C 50 -17.39 -48.50 11.16
C LEU C 50 -18.45 -48.48 10.07
N PHE C 51 -19.22 -47.39 10.02
CA PHE C 51 -20.28 -47.26 9.03
C PHE C 51 -19.76 -47.21 7.59
N GLN C 52 -18.59 -46.59 7.41
CA GLN C 52 -18.01 -46.45 6.08
C GLN C 52 -17.73 -47.82 5.48
N VAL C 53 -17.11 -48.69 6.28
CA VAL C 53 -16.76 -50.04 5.84
C VAL C 53 -17.97 -50.91 5.50
N LEU C 54 -19.09 -50.65 6.15
CA LEU C 54 -20.30 -51.44 5.90
C LEU C 54 -20.62 -51.61 4.43
N PRO C 55 -21.13 -52.79 4.04
CA PRO C 55 -21.49 -53.08 2.65
C PRO C 55 -22.65 -52.19 2.22
N ASP C 56 -22.63 -51.77 0.96
CA ASP C 56 -23.70 -50.92 0.43
C ASP C 56 -25.06 -51.56 0.69
N ASP C 57 -25.08 -52.87 0.69
CA ASP C 57 -26.32 -53.62 0.92
C ASP C 57 -26.90 -53.26 2.29
N ILE C 58 -26.00 -53.07 3.26
CA ILE C 58 -26.39 -52.73 4.62
C ILE C 58 -26.69 -51.24 4.76
N LYS C 59 -25.82 -50.41 4.19
CA LYS C 59 -26.00 -48.96 4.24
C LYS C 59 -27.35 -48.55 3.67
N ILE C 60 -27.69 -49.13 2.51
CA ILE C 60 -28.95 -48.83 1.84
C ILE C 60 -30.15 -49.35 2.61
N GLY C 61 -29.99 -50.50 3.26
CA GLY C 61 -31.10 -51.07 4.02
C GLY C 61 -31.72 -52.25 3.29
N THR C 62 -31.02 -52.73 2.27
CA THR C 62 -31.50 -53.87 1.49
C THR C 62 -31.34 -55.14 2.32
N ALA C 63 -30.28 -55.19 3.12
CA ALA C 63 -30.00 -56.35 3.97
C ALA C 63 -29.47 -55.93 5.33
N ALA C 64 -29.87 -56.66 6.37
CA ALA C 64 -29.45 -56.38 7.73
C ALA C 64 -28.90 -57.65 8.34
N GLY C 65 -28.18 -57.52 9.45
CA GLY C 65 -27.62 -58.69 10.11
C GLY C 65 -26.17 -58.90 9.76
N GLY C 66 -25.54 -59.85 10.44
CA GLY C 66 -24.13 -60.12 10.18
C GLY C 66 -23.27 -59.57 11.31
N GLU C 67 -22.09 -60.14 11.50
CA GLU C 67 -21.20 -59.70 12.56
C GLU C 67 -20.81 -58.23 12.43
N GLN C 68 -20.43 -57.82 11.22
CA GLN C 68 -20.02 -56.44 10.97
C GLN C 68 -21.13 -55.44 11.22
N HIS C 69 -22.35 -55.77 10.82
CA HIS C 69 -23.48 -54.87 11.03
C HIS C 69 -23.81 -54.76 12.53
N LEU C 70 -23.76 -55.89 13.23
CA LEU C 70 -24.06 -55.88 14.66
C LEU C 70 -23.05 -55.04 15.43
N GLU C 71 -21.78 -55.10 15.01
CA GLU C 71 -20.73 -54.31 15.66
C GLU C 71 -21.03 -52.82 15.50
N TYR C 72 -21.48 -52.42 14.31
CA TYR C 72 -21.81 -51.02 14.06
C TYR C 72 -22.97 -50.60 14.95
N ILE C 73 -23.97 -51.48 15.05
CA ILE C 73 -25.13 -51.23 15.87
C ILE C 73 -24.74 -51.04 17.32
N GLU C 74 -23.79 -51.86 17.79
CA GLU C 74 -23.34 -51.75 19.18
C GLU C 74 -22.59 -50.42 19.41
N ALA C 75 -21.79 -49.99 18.43
CA ALA C 75 -21.06 -48.73 18.56
C ALA C 75 -22.05 -47.57 18.67
N MET C 76 -23.14 -47.64 17.90
CA MET C 76 -24.18 -46.62 17.91
C MET C 76 -24.99 -46.62 19.22
N ILE C 77 -25.35 -47.81 19.70
CA ILE C 77 -26.10 -47.91 20.94
C ILE C 77 -25.25 -47.34 22.07
N GLU C 78 -23.96 -47.63 22.04
CA GLU C 78 -23.05 -47.12 23.07
C GLU C 78 -23.00 -45.59 22.94
N MET C 79 -22.95 -45.08 21.71
CA MET C 79 -22.89 -43.63 21.49
C MET C 79 -24.13 -42.96 22.08
N HIS C 80 -25.31 -43.48 21.75
CA HIS C 80 -26.55 -42.92 22.27
C HIS C 80 -26.66 -43.03 23.80
N ALA C 81 -26.30 -44.18 24.35
CA ALA C 81 -26.38 -44.36 25.80
C ALA C 81 -25.49 -43.35 26.51
N GLN C 82 -24.28 -43.18 26.02
CA GLN C 82 -23.34 -42.25 26.64
C GLN C 82 -23.81 -40.79 26.54
N MET C 83 -24.64 -40.46 25.56
CA MET C 83 -25.13 -39.08 25.43
C MET C 83 -26.05 -38.72 26.58
N SER C 84 -26.72 -39.73 27.14
CA SER C 84 -27.60 -39.49 28.27
C SER C 84 -26.74 -39.05 29.44
N ALA C 85 -25.49 -39.49 29.46
CA ALA C 85 -24.56 -39.12 30.52
C ALA C 85 -24.19 -37.65 30.33
N VAL C 86 -23.72 -37.31 29.12
CA VAL C 86 -23.34 -35.95 28.78
C VAL C 86 -24.47 -34.97 29.12
N ASN C 87 -25.67 -35.25 28.64
CA ASN C 87 -26.81 -34.36 28.89
C ASN C 87 -27.13 -34.16 30.37
N THR C 88 -26.99 -35.23 31.15
CA THR C 88 -27.27 -35.14 32.57
C THR C 88 -26.21 -34.30 33.30
N LEU C 89 -24.94 -34.49 32.94
CA LEU C 89 -23.85 -33.76 33.55
C LEU C 89 -23.88 -32.26 33.20
N VAL C 90 -24.26 -31.95 31.96
CA VAL C 90 -24.38 -30.56 31.55
C VAL C 90 -25.46 -29.90 32.40
N GLY C 91 -26.57 -30.61 32.56
CA GLY C 91 -27.67 -30.11 33.37
C GLY C 91 -27.26 -29.91 34.81
N LEU C 92 -26.21 -30.61 35.24
CA LEU C 92 -25.72 -30.49 36.62
C LEU C 92 -24.65 -29.42 36.74
N LEU C 93 -23.89 -29.22 35.67
CA LEU C 93 -22.82 -28.22 35.65
C LEU C 93 -23.39 -26.80 35.53
N GLY C 94 -24.46 -26.67 34.74
CA GLY C 94 -25.08 -25.36 34.56
C GLY C 94 -24.75 -24.70 33.23
N PHE C 95 -23.85 -25.29 32.46
CA PHE C 95 -23.45 -24.74 31.17
C PHE C 95 -22.62 -25.75 30.38
N ILE C 96 -22.47 -25.50 29.09
CA ILE C 96 -21.69 -26.36 28.21
C ILE C 96 -20.25 -25.88 28.25
N PRO C 97 -19.34 -26.70 28.81
CA PRO C 97 -17.94 -26.31 28.89
C PRO C 97 -17.19 -26.43 27.56
N LYS C 98 -16.17 -25.59 27.39
CA LYS C 98 -15.35 -25.63 26.18
C LYS C 98 -14.51 -26.89 26.27
N VAL C 99 -14.19 -27.51 25.13
CA VAL C 99 -13.40 -28.74 25.17
C VAL C 99 -12.18 -28.80 24.25
N SER C 100 -12.38 -29.19 22.99
CA SER C 100 -11.26 -29.29 22.05
C SER C 100 -11.56 -28.66 20.70
N PHE D 12 -38.08 -48.29 24.49
CA PHE D 12 -37.82 -48.23 25.96
C PHE D 12 -37.11 -46.93 26.36
N GLU D 13 -36.05 -47.04 27.13
CA GLU D 13 -35.29 -45.88 27.59
C GLU D 13 -34.37 -45.30 26.51
N LEU D 14 -33.97 -46.14 25.56
CA LEU D 14 -33.11 -45.69 24.47
C LEU D 14 -33.82 -45.87 23.13
N ARG D 15 -34.73 -44.95 22.83
CA ARG D 15 -35.52 -44.98 21.60
C ARG D 15 -34.74 -45.29 20.33
N PRO D 16 -33.54 -44.71 20.17
CA PRO D 16 -32.75 -44.98 18.96
C PRO D 16 -32.51 -46.46 18.68
N VAL D 17 -32.46 -47.27 19.74
CA VAL D 17 -32.23 -48.71 19.60
C VAL D 17 -33.26 -49.36 18.68
N ILE D 18 -34.50 -48.89 18.76
CA ILE D 18 -35.56 -49.43 17.93
C ILE D 18 -35.20 -49.26 16.46
N GLY D 19 -34.83 -48.02 16.10
CA GLY D 19 -34.47 -47.73 14.73
C GLY D 19 -33.27 -48.54 14.26
N LEU D 20 -32.25 -48.63 15.11
CA LEU D 20 -31.05 -49.37 14.76
C LEU D 20 -31.29 -50.87 14.57
N THR D 21 -32.26 -51.41 15.28
CA THR D 21 -32.54 -52.84 15.20
C THR D 21 -33.69 -53.24 14.29
N ARG D 22 -34.19 -52.31 13.49
CA ARG D 22 -35.27 -52.62 12.56
C ARG D 22 -34.63 -53.51 11.49
N GLY D 23 -35.35 -54.55 11.07
CA GLY D 23 -34.80 -55.42 10.04
C GLY D 23 -33.94 -56.54 10.57
N LEU D 24 -33.84 -56.67 11.89
CA LEU D 24 -33.05 -57.74 12.49
C LEU D 24 -33.96 -58.88 12.93
N SER D 25 -33.49 -60.11 12.77
CA SER D 25 -34.26 -61.27 13.20
C SER D 25 -34.22 -61.28 14.73
N SER D 26 -35.15 -61.98 15.36
CA SER D 26 -35.17 -62.05 16.82
C SER D 26 -33.85 -62.64 17.32
N ALA D 27 -33.22 -63.46 16.49
CA ALA D 27 -31.95 -64.09 16.83
C ALA D 27 -30.80 -63.08 16.95
N ASP D 28 -30.74 -62.12 16.02
CA ASP D 28 -29.69 -61.12 16.10
C ASP D 28 -29.93 -60.20 17.29
N ILE D 29 -31.20 -59.94 17.61
CA ILE D 29 -31.53 -59.10 18.74
C ILE D 29 -31.18 -59.80 20.07
N GLU D 30 -31.32 -61.11 20.10
CA GLU D 30 -30.98 -61.85 21.30
C GLU D 30 -29.46 -61.81 21.50
N THR D 31 -28.71 -61.84 20.40
CA THR D 31 -27.25 -61.77 20.45
C THR D 31 -26.83 -60.44 21.08
N LEU D 32 -27.43 -59.35 20.60
CA LEU D 32 -27.12 -58.02 21.13
C LEU D 32 -27.48 -57.95 22.62
N THR D 33 -28.64 -58.50 22.98
CA THR D 33 -29.12 -58.48 24.35
C THR D 33 -28.19 -59.26 25.29
N ALA D 34 -27.78 -60.46 24.87
CA ALA D 34 -26.88 -61.27 25.68
C ALA D 34 -25.54 -60.54 25.87
N ASN D 35 -25.06 -59.93 24.79
CA ASN D 35 -23.82 -59.17 24.83
C ASN D 35 -23.97 -58.04 25.86
N ALA D 36 -25.11 -57.36 25.83
CA ALA D 36 -25.33 -56.25 26.76
C ALA D 36 -25.41 -56.70 28.21
N ILE D 37 -26.00 -57.86 28.44
CA ILE D 37 -26.12 -58.38 29.80
C ILE D 37 -24.73 -58.75 30.33
N ARG D 38 -23.91 -59.37 29.49
CA ARG D 38 -22.57 -59.73 29.88
C ARG D 38 -21.74 -58.47 30.18
N LEU D 39 -21.93 -57.42 29.38
CA LEU D 39 -21.18 -56.18 29.59
C LEU D 39 -21.56 -55.52 30.91
N HIS D 40 -22.84 -55.56 31.24
CA HIS D 40 -23.31 -54.96 32.49
C HIS D 40 -22.63 -55.59 33.72
N ARG D 41 -22.48 -56.91 33.71
CA ARG D 41 -21.84 -57.59 34.84
C ARG D 41 -20.38 -57.15 34.95
N GLN D 42 -19.74 -57.01 33.80
CA GLN D 42 -18.35 -56.58 33.74
C GLN D 42 -18.21 -55.14 34.27
N LEU D 43 -19.09 -54.24 33.83
CA LEU D 43 -19.02 -52.86 34.28
C LEU D 43 -19.34 -52.74 35.77
N LEU D 44 -20.25 -53.59 36.25
CA LEU D 44 -20.62 -53.58 37.66
C LEU D 44 -19.46 -54.09 38.52
N GLU D 45 -18.73 -55.08 38.02
CA GLU D 45 -17.58 -55.63 38.76
C GLU D 45 -16.46 -54.62 38.82
N LYS D 46 -16.19 -53.99 37.67
CA LYS D 46 -15.15 -52.98 37.56
C LYS D 46 -15.37 -51.86 38.57
N ALA D 47 -16.60 -51.39 38.68
CA ALA D 47 -16.90 -50.31 39.62
C ALA D 47 -16.72 -50.79 41.07
N ASP D 48 -17.22 -51.98 41.36
CA ASP D 48 -17.10 -52.57 42.70
C ASP D 48 -15.61 -52.64 43.11
N GLN D 49 -14.77 -53.03 42.18
CA GLN D 49 -13.33 -53.12 42.43
C GLN D 49 -12.73 -51.77 42.80
N LEU D 50 -13.13 -50.73 42.07
CA LEU D 50 -12.62 -49.39 42.34
C LEU D 50 -13.13 -48.89 43.68
N PHE D 51 -14.36 -49.25 44.02
CA PHE D 51 -14.94 -48.83 45.28
C PHE D 51 -14.15 -49.39 46.47
N GLN D 52 -13.75 -50.64 46.36
CA GLN D 52 -13.02 -51.33 47.43
C GLN D 52 -11.77 -50.60 47.95
N VAL D 53 -11.04 -49.96 47.04
CA VAL D 53 -9.82 -49.27 47.44
C VAL D 53 -9.94 -47.76 47.54
N LEU D 54 -11.16 -47.26 47.72
CA LEU D 54 -11.36 -45.82 47.84
C LEU D 54 -10.99 -45.39 49.26
N PRO D 55 -10.63 -44.11 49.43
CA PRO D 55 -10.26 -43.61 50.77
C PRO D 55 -11.45 -43.72 51.73
N ASP D 56 -11.14 -43.86 53.01
CA ASP D 56 -12.17 -43.99 54.03
C ASP D 56 -13.10 -42.78 54.12
N ASP D 57 -12.55 -41.59 53.98
CA ASP D 57 -13.37 -40.38 54.06
C ASP D 57 -14.41 -40.37 52.94
N ILE D 58 -14.05 -40.94 51.79
CA ILE D 58 -14.97 -41.00 50.67
C ILE D 58 -16.03 -42.06 50.92
N LYS D 59 -15.63 -43.18 51.52
CA LYS D 59 -16.57 -44.27 51.79
C LYS D 59 -17.60 -43.90 52.86
N ILE D 60 -17.19 -43.13 53.86
CA ILE D 60 -18.12 -42.74 54.92
C ILE D 60 -18.92 -41.51 54.55
N GLY D 61 -18.64 -40.95 53.38
CA GLY D 61 -19.38 -39.78 52.94
C GLY D 61 -19.04 -38.48 53.64
N THR D 62 -17.81 -38.34 54.12
CA THR D 62 -17.40 -37.11 54.80
C THR D 62 -16.66 -36.24 53.78
N ALA D 63 -16.08 -36.90 52.78
CA ALA D 63 -15.36 -36.20 51.73
C ALA D 63 -15.88 -36.62 50.36
N ALA D 64 -15.73 -35.73 49.37
CA ALA D 64 -16.18 -35.98 48.02
C ALA D 64 -15.29 -35.20 47.08
N GLY D 65 -14.88 -35.84 45.99
CA GLY D 65 -14.02 -35.17 45.03
C GLY D 65 -12.65 -35.80 45.04
N GLY D 66 -11.80 -35.38 44.10
CA GLY D 66 -10.47 -35.93 44.02
C GLY D 66 -10.36 -36.89 42.84
N GLU D 67 -9.15 -37.05 42.33
CA GLU D 67 -8.87 -37.91 41.19
C GLU D 67 -9.48 -39.32 41.30
N GLN D 68 -9.12 -40.04 42.36
CA GLN D 68 -9.61 -41.40 42.56
C GLN D 68 -11.12 -41.48 42.62
N HIS D 69 -11.74 -40.59 43.39
CA HIS D 69 -13.19 -40.58 43.52
C HIS D 69 -13.86 -40.34 42.17
N LEU D 70 -13.29 -39.44 41.37
CA LEU D 70 -13.85 -39.13 40.06
C LEU D 70 -13.80 -40.32 39.12
N GLU D 71 -12.72 -41.11 39.21
CA GLU D 71 -12.56 -42.28 38.36
C GLU D 71 -13.64 -43.31 38.69
N TYR D 72 -13.98 -43.42 39.97
CA TYR D 72 -15.01 -44.35 40.42
C TYR D 72 -16.36 -43.88 39.89
N ILE D 73 -16.61 -42.58 40.03
CA ILE D 73 -17.84 -41.97 39.58
C ILE D 73 -18.04 -42.22 38.09
N GLU D 74 -16.97 -42.10 37.31
CA GLU D 74 -17.08 -42.34 35.89
C GLU D 74 -17.37 -43.81 35.60
N ALA D 75 -16.87 -44.70 36.45
CA ALA D 75 -17.12 -46.13 36.24
C ALA D 75 -18.61 -46.40 36.48
N MET D 76 -19.18 -45.77 37.51
CA MET D 76 -20.59 -45.94 37.82
C MET D 76 -21.48 -45.30 36.76
N ILE D 77 -21.08 -44.13 36.28
CA ILE D 77 -21.86 -43.44 35.26
C ILE D 77 -21.93 -44.32 34.02
N GLU D 78 -20.79 -44.85 33.61
CA GLU D 78 -20.75 -45.73 32.45
C GLU D 78 -21.69 -46.93 32.69
N MET D 79 -21.65 -47.48 33.90
CA MET D 79 -22.48 -48.63 34.26
C MET D 79 -23.97 -48.31 34.16
N HIS D 80 -24.39 -47.19 34.75
CA HIS D 80 -25.80 -46.80 34.68
C HIS D 80 -26.24 -46.51 33.24
N ALA D 81 -25.38 -45.84 32.49
CA ALA D 81 -25.71 -45.51 31.10
C ALA D 81 -25.92 -46.76 30.27
N GLN D 82 -25.03 -47.75 30.45
CA GLN D 82 -25.15 -48.98 29.70
C GLN D 82 -26.36 -49.82 30.10
N MET D 83 -26.87 -49.61 31.32
CA MET D 83 -28.05 -50.36 31.77
C MET D 83 -29.27 -50.01 30.94
N SER D 84 -29.34 -48.76 30.47
CA SER D 84 -30.48 -48.36 29.66
C SER D 84 -30.50 -49.16 28.35
N ALA D 85 -29.32 -49.52 27.86
CA ALA D 85 -29.22 -50.32 26.64
C ALA D 85 -29.75 -51.73 26.95
N VAL D 86 -29.38 -52.25 28.12
CA VAL D 86 -29.82 -53.57 28.57
C VAL D 86 -31.35 -53.60 28.66
N ASN D 87 -31.91 -52.65 29.39
CA ASN D 87 -33.36 -52.55 29.56
C ASN D 87 -34.10 -52.38 28.24
N THR D 88 -33.52 -51.61 27.34
CA THR D 88 -34.15 -51.38 26.04
C THR D 88 -34.12 -52.66 25.19
N LEU D 89 -32.96 -53.31 25.12
CA LEU D 89 -32.84 -54.53 24.33
C LEU D 89 -33.74 -55.62 24.89
N VAL D 90 -33.71 -55.82 26.21
CA VAL D 90 -34.56 -56.84 26.83
C VAL D 90 -36.03 -56.54 26.49
N GLY D 91 -36.41 -55.27 26.56
CA GLY D 91 -37.78 -54.90 26.25
C GLY D 91 -38.16 -55.31 24.83
N LEU D 92 -37.25 -55.09 23.89
CA LEU D 92 -37.47 -55.45 22.49
C LEU D 92 -37.49 -56.95 22.25
N LEU D 93 -36.56 -57.66 22.87
CA LEU D 93 -36.46 -59.11 22.70
C LEU D 93 -37.66 -59.87 23.27
N GLY D 94 -38.22 -59.38 24.37
CA GLY D 94 -39.37 -60.05 24.96
C GLY D 94 -39.02 -61.00 26.07
N PHE D 95 -37.73 -61.21 26.29
CA PHE D 95 -37.29 -62.10 27.36
C PHE D 95 -35.84 -61.82 27.71
N ILE D 96 -35.39 -62.43 28.81
CA ILE D 96 -34.02 -62.27 29.28
C ILE D 96 -33.28 -63.55 28.96
N PRO D 97 -32.35 -63.51 27.99
CA PRO D 97 -31.59 -64.71 27.63
C PRO D 97 -30.65 -65.12 28.76
N LYS D 98 -30.36 -66.41 28.85
CA LYS D 98 -29.45 -66.89 29.89
C LYS D 98 -28.05 -66.80 29.31
N VAL D 99 -27.17 -66.07 29.99
CA VAL D 99 -25.81 -65.87 29.51
C VAL D 99 -24.71 -66.53 30.34
N SER D 100 -25.02 -66.90 31.57
CA SER D 100 -24.02 -67.53 32.43
C SER D 100 -24.62 -68.58 33.36
N VAL D 101 -23.78 -69.54 33.74
CA VAL D 101 -24.21 -70.62 34.64
C VAL D 101 -23.69 -70.34 36.05
#